data_4HW0
#
_entry.id   4HW0
#
_cell.length_a   60.221
_cell.length_b   69.538
_cell.length_c   80.727
_cell.angle_alpha   90.000
_cell.angle_beta   90.000
_cell.angle_gamma   90.000
#
_symmetry.space_group_name_H-M   'P 21 2 2'
#
loop_
_entity.id
_entity.type
_entity.pdbx_description
1 polymer 'DNA-binding protein Sso10a-2'
2 water water
#
_entity_poly.entity_id   1
_entity_poly.type   'polypeptide(L)'
_entity_poly.pdbx_seq_one_letter_code
;(MSE)QLERRKRGT(MSE)EI(MSE)FDILRNCEPKCGITRVIYGAGINYVVAQKYLDQLVKVGALNIKTENDRKIYEIT
EKGKLLRTHIEEFIKIRENLYSAKEKVSELLRTDSE
;
_entity_poly.pdbx_strand_id   A,B,C
#
# COMPACT_ATOMS: atom_id res chain seq x y z
N LYS A 7 16.55 -13.13 5.78
CA LYS A 7 16.37 -11.73 5.25
C LYS A 7 15.78 -10.73 6.27
N ARG A 8 16.63 -9.84 6.75
CA ARG A 8 16.28 -8.96 7.87
C ARG A 8 15.91 -7.64 7.32
N GLY A 9 14.94 -7.02 7.93
CA GLY A 9 14.63 -5.64 7.64
C GLY A 9 15.47 -4.70 8.46
N THR A 10 15.20 -3.43 8.28
CA THR A 10 15.94 -2.38 8.87
C THR A 10 15.93 -2.43 10.38
N GLU A 12 15.41 -4.90 12.45
CA GLU A 12 16.20 -5.97 12.94
C GLU A 12 17.70 -5.83 12.79
N ILE A 13 18.15 -5.23 11.70
CA ILE A 13 19.57 -4.96 11.60
C ILE A 13 19.99 -4.01 12.69
N PHE A 15 18.70 -3.60 15.57
CA PHE A 15 18.74 -4.35 16.81
C PHE A 15 20.04 -5.12 16.91
N ASP A 16 20.40 -5.78 15.83
CA ASP A 16 21.65 -6.57 15.82
C ASP A 16 22.91 -5.72 15.97
N ILE A 17 22.89 -4.49 15.46
CA ILE A 17 23.95 -3.57 15.81
C ILE A 17 23.95 -3.14 17.29
N LEU A 18 22.82 -2.64 17.74
CA LEU A 18 22.73 -2.10 19.06
C LEU A 18 23.07 -3.08 20.16
N ARG A 19 22.68 -4.32 19.98
CA ARG A 19 22.90 -5.29 21.06
C ARG A 19 24.36 -5.65 21.08
N ASN A 20 25.13 -5.23 20.08
CA ASN A 20 26.59 -5.43 20.11
C ASN A 20 27.41 -4.18 20.47
N CYS A 21 26.71 -3.09 20.86
CA CYS A 21 27.31 -1.79 21.14
C CYS A 21 27.09 -1.33 22.51
N GLU A 22 27.13 -2.26 23.44
CA GLU A 22 26.92 -1.95 24.82
C GLU A 22 28.10 -2.33 25.68
N PRO A 23 28.81 -1.32 26.24
CA PRO A 23 28.57 0.13 26.14
C PRO A 23 29.06 0.74 24.82
N LYS A 24 30.09 0.13 24.25
CA LYS A 24 30.77 0.66 23.08
C LYS A 24 30.96 -0.44 22.01
N CYS A 25 31.23 -0.01 20.79
CA CYS A 25 31.53 -0.92 19.67
C CYS A 25 32.35 -0.15 18.66
N GLY A 26 33.38 -0.78 18.14
CA GLY A 26 34.00 -0.35 16.89
C GLY A 26 33.41 -1.13 15.71
N ILE A 27 33.96 -0.88 14.54
CA ILE A 27 33.39 -1.42 13.32
C ILE A 27 33.52 -2.93 13.24
N THR A 28 34.59 -3.50 13.79
CA THR A 28 34.77 -4.92 13.83
C THR A 28 33.63 -5.58 14.59
N ARG A 29 33.34 -5.04 15.75
CA ARG A 29 32.30 -5.57 16.58
C ARG A 29 30.96 -5.42 15.88
N VAL A 30 30.76 -4.28 15.16
CA VAL A 30 29.54 -4.10 14.45
C VAL A 30 29.40 -5.04 13.25
N ILE A 31 30.41 -5.17 12.42
CA ILE A 31 30.35 -6.03 11.23
C ILE A 31 30.13 -7.51 11.62
N TYR A 32 30.94 -7.99 12.56
CA TYR A 32 30.91 -9.36 12.91
C TYR A 32 29.78 -9.65 13.85
N GLY A 33 29.50 -8.72 14.79
CA GLY A 33 28.40 -8.97 15.70
C GLY A 33 27.03 -8.92 15.06
N ALA A 34 26.85 -7.95 14.16
CA ALA A 34 25.59 -7.89 13.48
C ALA A 34 25.52 -8.69 12.19
N GLY A 35 26.64 -9.26 11.73
CA GLY A 35 26.63 -10.06 10.54
C GLY A 35 26.23 -9.26 9.30
N ILE A 36 26.85 -8.11 9.15
CA ILE A 36 26.64 -7.22 8.00
C ILE A 36 27.96 -6.69 7.46
N ASN A 37 28.00 -6.39 6.15
CA ASN A 37 29.20 -5.94 5.55
C ASN A 37 29.47 -4.48 5.85
N TYR A 38 30.64 -4.02 5.48
CA TYR A 38 31.09 -2.68 5.82
C TYR A 38 30.18 -1.57 5.23
N VAL A 39 29.68 -1.80 4.01
CA VAL A 39 28.81 -0.84 3.33
C VAL A 39 27.49 -0.72 4.06
N VAL A 40 26.89 -1.85 4.39
CA VAL A 40 25.65 -1.84 5.21
C VAL A 40 25.90 -1.24 6.57
N ALA A 41 27.01 -1.62 7.21
CA ALA A 41 27.31 -1.12 8.54
C ALA A 41 27.41 0.39 8.52
N GLN A 42 28.14 0.93 7.53
CA GLN A 42 28.33 2.39 7.45
C GLN A 42 26.99 3.12 7.36
N LYS A 43 26.11 2.61 6.50
CA LYS A 43 24.79 3.24 6.36
C LYS A 43 23.97 3.25 7.68
N TYR A 44 23.84 2.08 8.29
CA TYR A 44 23.08 1.97 9.54
C TYR A 44 23.68 2.67 10.70
N LEU A 45 25.00 2.60 10.86
CA LEU A 45 25.64 3.33 11.93
C LEU A 45 25.30 4.82 11.80
N ASP A 46 25.39 5.34 10.59
CA ASP A 46 25.12 6.74 10.40
C ASP A 46 23.68 7.14 10.76
N GLN A 47 22.74 6.30 10.37
CA GLN A 47 21.37 6.43 10.78
C GLN A 47 21.16 6.42 12.29
N LEU A 48 21.82 5.50 12.97
CA LEU A 48 21.70 5.38 14.43
C LEU A 48 22.30 6.57 15.14
N VAL A 49 23.40 7.10 14.62
CA VAL A 49 23.95 8.39 15.17
C VAL A 49 22.97 9.50 14.93
N LYS A 50 22.40 9.55 13.74
CA LYS A 50 21.44 10.62 13.42
C LYS A 50 20.23 10.60 14.29
N VAL A 51 19.68 9.44 14.57
CA VAL A 51 18.49 9.42 15.43
C VAL A 51 18.82 9.40 16.94
N GLY A 52 20.10 9.52 17.30
CA GLY A 52 20.50 9.68 18.70
C GLY A 52 20.60 8.36 19.48
N ALA A 53 20.70 7.26 18.77
CA ALA A 53 20.82 5.92 19.42
C ALA A 53 22.27 5.57 19.74
N LEU A 54 23.19 6.14 18.98
CA LEU A 54 24.63 6.02 19.21
C LEU A 54 25.30 7.41 19.17
N ASN A 55 26.30 7.60 20.01
CA ASN A 55 27.30 8.68 19.87
C ASN A 55 28.55 8.15 19.20
N ILE A 56 29.22 9.00 18.43
CA ILE A 56 30.40 8.60 17.72
C ILE A 56 31.60 9.42 18.21
N LYS A 57 32.71 8.73 18.39
CA LYS A 57 33.99 9.30 18.77
C LYS A 57 35.04 8.71 17.84
N THR A 58 36.18 9.39 17.72
CA THR A 58 37.38 8.76 17.17
C THR A 58 38.40 8.70 18.26
N GLU A 59 38.98 7.52 18.45
CA GLU A 59 40.03 7.26 19.44
C GLU A 59 41.02 6.35 18.76
N ASN A 60 42.30 6.70 18.80
CA ASN A 60 43.35 5.91 18.10
C ASN A 60 43.11 5.75 16.63
N ASP A 61 42.58 6.80 16.06
CA ASP A 61 42.26 6.83 14.67
C ASP A 61 41.17 5.83 14.30
N ARG A 62 40.42 5.30 15.25
CA ARG A 62 39.31 4.36 14.94
C ARG A 62 37.99 4.94 15.41
N LYS A 63 36.93 4.77 14.64
CA LYS A 63 35.60 5.18 15.06
C LYS A 63 35.06 4.27 16.17
N ILE A 64 34.57 4.87 17.24
CA ILE A 64 34.00 4.13 18.36
C ILE A 64 32.62 4.67 18.58
N TYR A 65 31.66 3.77 18.66
CA TYR A 65 30.27 4.15 18.88
C TYR A 65 29.82 3.75 20.26
N GLU A 66 29.04 4.59 20.88
CA GLU A 66 28.55 4.30 22.22
C GLU A 66 27.08 4.39 22.25
N ILE A 67 26.43 3.43 22.85
CA ILE A 67 24.98 3.43 22.87
C ILE A 67 24.56 4.46 23.88
N THR A 68 23.48 5.16 23.56
CA THR A 68 22.92 6.16 24.44
C THR A 68 21.72 5.59 25.16
N GLU A 69 21.23 6.36 26.12
CA GLU A 69 20.01 5.95 26.81
C GLU A 69 18.88 5.75 25.81
N LYS A 70 18.76 6.67 24.85
CA LYS A 70 17.71 6.53 23.83
C LYS A 70 17.90 5.26 22.99
N GLY A 71 19.15 4.98 22.70
CA GLY A 71 19.58 3.72 21.98
C GLY A 71 19.25 2.45 22.71
N LYS A 72 19.40 2.46 24.03
CA LYS A 72 19.03 1.31 24.83
C LYS A 72 17.53 1.05 24.73
N LEU A 73 16.75 2.11 24.75
CA LEU A 73 15.32 2.03 24.62
C LEU A 73 14.92 1.57 23.25
N LEU A 74 15.62 2.05 22.24
CA LEU A 74 15.37 1.56 20.89
C LEU A 74 15.64 0.06 20.77
N ARG A 75 16.77 -0.38 21.31
CA ARG A 75 17.12 -1.84 21.34
CA ARG A 75 17.10 -1.82 21.33
C ARG A 75 16.01 -2.67 21.99
N THR A 76 15.54 -2.24 23.17
CA THR A 76 14.50 -2.90 23.92
C THR A 76 13.20 -2.95 23.10
N HIS A 77 12.82 -1.83 22.49
CA HIS A 77 11.59 -1.82 21.70
C HIS A 77 11.63 -2.67 20.45
N ILE A 78 12.77 -2.68 19.79
CA ILE A 78 12.90 -3.55 18.63
C ILE A 78 12.81 -4.99 19.09
N GLU A 79 13.46 -5.30 20.20
CA GLU A 79 13.44 -6.68 20.72
C GLU A 79 11.99 -7.13 20.93
N GLU A 80 11.20 -6.25 21.53
CA GLU A 80 9.80 -6.51 21.84
C GLU A 80 9.01 -6.71 20.54
N PHE A 81 9.29 -5.88 19.51
CA PHE A 81 8.67 -6.04 18.17
C PHE A 81 8.95 -7.42 17.58
N ILE A 82 10.19 -7.81 17.67
CA ILE A 82 10.61 -9.09 17.08
C ILE A 82 9.94 -10.29 17.73
N LYS A 83 9.89 -10.25 19.03
CA LYS A 83 9.27 -11.29 19.78
C LYS A 83 7.75 -11.37 19.48
N ILE A 84 7.05 -10.26 19.44
CA ILE A 84 5.63 -10.30 19.06
C ILE A 84 5.43 -10.79 17.62
N ARG A 85 6.33 -10.39 16.72
CA ARG A 85 6.22 -10.81 15.35
C ARG A 85 6.33 -12.33 15.24
N GLU A 86 7.20 -12.91 16.06
CA GLU A 86 7.32 -14.35 16.09
C GLU A 86 6.03 -14.98 16.54
N ASN A 87 5.42 -14.43 17.58
CA ASN A 87 4.15 -14.93 18.09
C ASN A 87 3.04 -14.85 17.04
N LEU A 88 3.04 -13.78 16.26
CA LEU A 88 2.13 -13.62 15.14
C LEU A 88 2.29 -14.70 14.08
N TYR A 89 3.52 -15.03 13.71
CA TYR A 89 3.73 -16.15 12.78
C TYR A 89 3.16 -17.43 13.30
N SER A 90 3.43 -17.75 14.56
CA SER A 90 2.89 -18.96 15.15
C SER A 90 1.39 -18.96 15.16
N ALA A 91 0.78 -17.84 15.57
CA ALA A 91 -0.68 -17.72 15.60
C ALA A 91 -1.30 -17.90 14.21
N LYS A 92 -0.64 -17.37 13.21
CA LYS A 92 -1.08 -17.57 11.81
C LYS A 92 -1.00 -19.03 11.39
N GLU A 93 0.08 -19.70 11.76
CA GLU A 93 0.23 -21.13 11.47
C GLU A 93 -0.88 -21.93 12.12
N LYS A 94 -1.27 -21.55 13.34
CA LYS A 94 -2.34 -22.28 14.01
C LYS A 94 -3.69 -22.14 13.31
N VAL A 95 -3.95 -20.95 12.78
CA VAL A 95 -5.15 -20.78 11.95
C VAL A 95 -5.06 -21.63 10.69
N SER A 96 -3.91 -21.56 10.04
CA SER A 96 -3.74 -22.29 8.79
C SER A 96 -3.99 -23.81 8.96
N GLU A 97 -3.50 -24.39 10.07
CA GLU A 97 -3.73 -25.79 10.36
C GLU A 97 -5.18 -26.17 10.32
N LEU A 98 -6.07 -25.24 10.69
CA LEU A 98 -7.49 -25.50 10.70
C LEU A 98 -8.15 -25.28 9.34
N LEU A 99 -7.41 -24.77 8.38
CA LEU A 99 -7.95 -24.51 7.03
C LEU A 99 -7.60 -25.59 5.97
N ARG A 100 -7.70 -26.83 6.38
CA ARG A 100 -7.42 -27.98 5.53
C ARG A 100 -8.61 -28.77 5.50
N THR A 101 -8.68 -29.62 4.49
CA THR A 101 -9.68 -30.63 4.40
C THR A 101 -9.18 -31.73 3.50
N ASP A 102 -9.56 -32.98 3.82
CA ASP A 102 -9.37 -34.21 2.92
C ASP A 102 -10.70 -34.78 2.31
N SER A 103 -11.82 -34.07 2.46
CA SER A 103 -13.08 -34.52 1.86
C SER A 103 -13.26 -34.23 0.31
N GLU A 104 -12.56 -33.23 -0.22
CA GLU A 104 -12.93 -32.63 -1.55
C GLU A 104 -12.36 -33.31 -2.82
N ARG B 8 -0.49 3.84 4.68
CA ARG B 8 -0.05 4.55 3.45
C ARG B 8 0.90 3.73 2.67
N GLY B 9 0.65 3.70 1.38
CA GLY B 9 1.59 3.12 0.46
C GLY B 9 2.63 4.15 0.04
N THR B 10 3.45 3.70 -0.87
CA THR B 10 4.53 4.47 -1.38
C THR B 10 4.08 5.80 -1.96
N GLU B 12 1.38 7.57 -1.62
CA GLU B 12 0.93 8.53 -0.65
C GLU B 12 2.02 9.13 0.29
N ILE B 13 3.04 8.32 0.60
CA ILE B 13 4.18 8.88 1.36
C ILE B 13 4.91 9.92 0.51
N PHE B 15 3.73 11.69 -1.84
CA PHE B 15 2.87 12.89 -1.92
C PHE B 15 3.01 13.75 -0.68
N ASP B 16 3.02 13.11 0.48
CA ASP B 16 3.17 13.83 1.74
C ASP B 16 4.50 14.47 1.92
N ILE B 17 5.56 13.83 1.42
CA ILE B 17 6.83 14.53 1.31
C ILE B 17 6.78 15.73 0.37
N LEU B 18 6.40 15.48 -0.87
CA LEU B 18 6.43 16.53 -1.87
C LEU B 18 5.61 17.78 -1.51
N ARG B 19 4.46 17.56 -0.87
CA ARG B 19 3.58 18.66 -0.51
C ARG B 19 4.13 19.47 0.64
N ASN B 20 5.16 18.94 1.31
CA ASN B 20 5.88 19.67 2.34
C ASN B 20 7.17 20.29 1.87
N CYS B 21 7.44 20.21 0.56
CA CYS B 21 8.66 20.73 -0.04
C CYS B 21 8.15 21.83 -1.05
N GLU B 22 7.68 22.99 -0.57
CA GLU B 22 7.03 23.98 -1.41
C GLU B 22 7.54 25.39 -1.13
N PRO B 23 8.70 25.70 -1.66
CA PRO B 23 9.50 24.87 -2.58
C PRO B 23 10.51 23.95 -1.89
N LYS B 24 10.98 24.34 -0.71
CA LYS B 24 12.09 23.69 -0.04
C LYS B 24 11.65 22.91 1.18
N CYS B 25 12.50 22.00 1.63
CA CYS B 25 12.26 21.26 2.87
C CYS B 25 13.57 20.66 3.35
N GLY B 26 13.85 20.77 4.63
CA GLY B 26 14.94 20.03 5.21
C GLY B 26 14.35 18.74 5.82
N ILE B 27 15.19 18.00 6.50
CA ILE B 27 14.78 16.73 7.06
C ILE B 27 13.76 16.90 8.20
N THR B 28 13.91 17.97 8.97
CA THR B 28 12.92 18.28 10.03
C THR B 28 11.51 18.46 9.43
N ARG B 29 11.44 19.23 8.35
CA ARG B 29 10.15 19.49 7.67
C ARG B 29 9.62 18.20 7.11
N VAL B 30 10.52 17.37 6.53
CA VAL B 30 10.08 16.11 5.98
C VAL B 30 9.55 15.18 7.07
N ILE B 31 10.29 15.00 8.15
CA ILE B 31 9.89 14.02 9.17
C ILE B 31 8.55 14.44 9.83
N TYR B 32 8.54 15.66 10.26
CA TYR B 32 7.38 16.17 11.06
C TYR B 32 6.23 16.61 10.16
N GLY B 33 6.51 17.06 8.92
CA GLY B 33 5.45 17.34 7.92
C GLY B 33 4.81 16.17 7.21
N ALA B 34 5.61 15.17 6.83
CA ALA B 34 5.00 14.01 6.22
C ALA B 34 4.61 12.95 7.23
N GLY B 35 5.05 13.13 8.47
CA GLY B 35 4.76 12.18 9.52
C GLY B 35 5.41 10.84 9.34
N ILE B 36 6.71 10.86 9.05
CA ILE B 36 7.50 9.62 8.85
C ILE B 36 8.79 9.73 9.62
N ASN B 37 9.36 8.58 9.98
CA ASN B 37 10.58 8.57 10.74
C ASN B 37 11.79 8.84 9.84
N TYR B 38 12.94 8.99 10.44
CA TYR B 38 14.17 9.32 9.72
C TYR B 38 14.59 8.29 8.69
N VAL B 39 14.35 7.01 9.02
CA VAL B 39 14.76 5.90 8.14
C VAL B 39 13.88 5.89 6.90
N VAL B 40 12.57 6.04 7.12
CA VAL B 40 11.62 6.11 6.01
C VAL B 40 11.90 7.35 5.17
N ALA B 41 12.16 8.46 5.84
CA ALA B 41 12.42 9.71 5.15
C ALA B 41 13.65 9.56 4.23
N GLN B 42 14.72 9.03 4.78
CA GLN B 42 15.95 8.91 4.01
C GLN B 42 15.73 8.07 2.74
N LYS B 43 15.03 6.96 2.87
CA LYS B 43 14.73 6.09 1.74
C LYS B 43 13.93 6.79 0.63
N TYR B 44 12.81 7.40 1.04
CA TYR B 44 12.00 8.13 0.05
C TYR B 44 12.68 9.34 -0.54
N LEU B 45 13.37 10.11 0.29
CA LEU B 45 14.09 11.26 -0.21
C LEU B 45 15.12 10.85 -1.26
N ASP B 46 15.86 9.80 -0.97
CA ASP B 46 16.87 9.30 -1.96
C ASP B 46 16.17 8.90 -3.25
N GLN B 47 15.04 8.17 -3.17
CA GLN B 47 14.25 7.79 -4.34
C GLN B 47 13.81 9.00 -5.13
N LEU B 48 13.26 9.99 -4.42
CA LEU B 48 12.78 11.24 -5.06
C LEU B 48 13.89 12.08 -5.73
N VAL B 49 15.07 12.13 -5.11
CA VAL B 49 16.24 12.76 -5.77
C VAL B 49 16.59 11.96 -7.03
N LYS B 50 16.64 10.63 -6.88
CA LYS B 50 17.04 9.74 -7.98
C LYS B 50 16.12 9.88 -9.19
N VAL B 51 14.82 10.02 -8.98
CA VAL B 51 13.89 10.19 -10.10
C VAL B 51 13.71 11.64 -10.53
N GLY B 52 14.45 12.55 -9.96
CA GLY B 52 14.43 13.94 -10.38
C GLY B 52 13.31 14.82 -9.87
N ALA B 53 12.66 14.34 -8.83
CA ALA B 53 11.51 15.09 -8.23
C ALA B 53 11.96 16.13 -7.24
N LEU B 54 13.12 15.87 -6.65
CA LEU B 54 13.79 16.77 -5.74
C LEU B 54 15.27 16.98 -6.16
N ASN B 55 15.76 18.19 -6.00
CA ASN B 55 17.19 18.50 -5.97
C ASN B 55 17.65 18.58 -4.55
N ILE B 56 18.89 18.19 -4.33
CA ILE B 56 19.49 18.25 -3.01
C ILE B 56 20.68 19.22 -3.01
N LYS B 57 20.75 20.07 -2.00
CA LYS B 57 21.81 21.00 -1.76
C LYS B 57 22.23 20.76 -0.34
N THR B 58 23.49 21.08 -0.05
CA THR B 58 23.95 21.18 1.33
C THR B 58 24.41 22.60 1.56
N GLU B 59 23.97 23.15 2.67
CA GLU B 59 24.53 24.42 3.13
C GLU B 59 24.36 24.52 4.63
N ASN B 60 25.33 25.19 5.23
CA ASN B 60 25.53 25.16 6.69
C ASN B 60 25.65 23.73 7.14
N ASP B 61 26.22 22.90 6.29
CA ASP B 61 26.34 21.50 6.58
C ASP B 61 24.97 20.80 6.79
N ARG B 62 23.88 21.38 6.32
CA ARG B 62 22.62 20.60 6.31
C ARG B 62 21.98 20.47 4.95
N LYS B 63 21.31 19.35 4.79
CA LYS B 63 20.65 19.04 3.56
C LYS B 63 19.38 19.85 3.38
N ILE B 64 19.24 20.42 2.19
CA ILE B 64 18.02 21.09 1.79
C ILE B 64 17.56 20.50 0.48
N TYR B 65 16.29 20.15 0.42
CA TYR B 65 15.72 19.59 -0.77
C TYR B 65 14.81 20.62 -1.40
N GLU B 66 14.76 20.60 -2.72
CA GLU B 66 13.89 21.52 -3.43
C GLU B 66 13.12 20.78 -4.51
N ILE B 67 11.82 20.99 -4.54
CA ILE B 67 11.00 20.33 -5.49
C ILE B 67 11.32 20.93 -6.87
N THR B 68 11.38 20.08 -7.86
CA THR B 68 11.63 20.45 -9.25
C THR B 68 10.34 20.56 -9.99
N GLU B 69 10.40 21.11 -11.20
CA GLU B 69 9.23 21.10 -12.03
C GLU B 69 8.68 19.70 -12.20
N LYS B 70 9.56 18.76 -12.45
CA LYS B 70 9.11 17.36 -12.57
C LYS B 70 8.41 16.87 -11.26
N GLY B 71 9.00 17.25 -10.15
CA GLY B 71 8.45 16.92 -8.81
C GLY B 71 7.07 17.51 -8.61
N LYS B 72 6.84 18.72 -9.15
CA LYS B 72 5.52 19.34 -9.03
C LYS B 72 4.47 18.57 -9.81
N LEU B 73 4.85 18.12 -11.02
CA LEU B 73 3.96 17.29 -11.83
C LEU B 73 3.69 15.97 -11.14
N LEU B 74 4.74 15.39 -10.56
CA LEU B 74 4.60 14.09 -9.85
C LEU B 74 3.61 14.26 -8.68
N ARG B 75 3.79 15.31 -7.90
CA ARG B 75 2.88 15.63 -6.80
C ARG B 75 1.38 15.73 -7.24
N THR B 76 1.14 16.48 -8.29
CA THR B 76 -0.19 16.66 -8.91
C THR B 76 -0.78 15.35 -9.37
N HIS B 77 0.00 14.57 -10.07
CA HIS B 77 -0.47 13.24 -10.45
C HIS B 77 -0.79 12.32 -9.30
N ILE B 78 0.06 12.30 -8.30
CA ILE B 78 -0.21 11.44 -7.16
C ILE B 78 -1.46 11.91 -6.46
N GLU B 79 -1.60 13.24 -6.30
CA GLU B 79 -2.80 13.79 -5.70
C GLU B 79 -4.08 13.33 -6.45
N GLU B 80 -4.08 13.44 -7.79
CA GLU B 80 -5.18 12.95 -8.63
C GLU B 80 -5.42 11.45 -8.40
N PHE B 81 -4.35 10.64 -8.35
CA PHE B 81 -4.48 9.20 -8.17
C PHE B 81 -5.20 8.92 -6.83
N ILE B 82 -4.78 9.62 -5.80
CA ILE B 82 -5.37 9.43 -4.48
C ILE B 82 -6.86 9.77 -4.46
N LYS B 83 -7.20 10.91 -5.05
CA LYS B 83 -8.57 11.38 -5.10
C LYS B 83 -9.43 10.36 -5.88
N ILE B 84 -8.95 9.90 -7.03
CA ILE B 84 -9.70 8.89 -7.80
C ILE B 84 -9.87 7.58 -6.98
N ARG B 85 -8.85 7.22 -6.25
CA ARG B 85 -8.89 5.99 -5.47
C ARG B 85 -9.95 6.07 -4.39
N GLU B 86 -10.06 7.24 -3.77
CA GLU B 86 -11.09 7.48 -2.78
C GLU B 86 -12.47 7.40 -3.43
N ASN B 87 -12.62 7.94 -4.62
CA ASN B 87 -13.85 7.81 -5.33
C ASN B 87 -14.21 6.40 -5.65
N LEU B 88 -13.20 5.62 -6.00
CA LEU B 88 -13.40 4.22 -6.31
C LEU B 88 -13.88 3.46 -5.07
N TYR B 89 -13.30 3.74 -3.91
CA TYR B 89 -13.79 3.11 -2.67
C TYR B 89 -15.26 3.43 -2.43
N SER B 90 -15.65 4.69 -2.60
CA SER B 90 -17.07 5.09 -2.44
C SER B 90 -17.96 4.38 -3.40
N ALA B 91 -17.55 4.32 -4.65
CA ALA B 91 -18.33 3.66 -5.68
C ALA B 91 -18.47 2.16 -5.39
N LYS B 92 -17.40 1.55 -4.94
CA LYS B 92 -17.43 0.14 -4.57
C LYS B 92 -18.41 -0.13 -3.45
N GLU B 93 -18.36 0.70 -2.43
CA GLU B 93 -19.20 0.55 -1.29
C GLU B 93 -20.65 0.66 -1.71
N LYS B 94 -20.95 1.56 -2.65
CA LYS B 94 -22.32 1.73 -3.15
C LYS B 94 -22.81 0.47 -3.80
N VAL B 95 -21.95 -0.18 -4.58
CA VAL B 95 -22.32 -1.43 -5.24
C VAL B 95 -22.58 -2.49 -4.13
N SER B 96 -21.63 -2.58 -3.22
CA SER B 96 -21.68 -3.59 -2.18
C SER B 96 -22.94 -3.49 -1.34
N GLU B 97 -23.33 -2.25 -1.01
CA GLU B 97 -24.57 -2.00 -0.26
C GLU B 97 -25.78 -2.54 -0.95
N LEU B 98 -25.81 -2.53 -2.27
CA LEU B 98 -26.94 -3.07 -3.00
C LEU B 98 -26.88 -4.60 -3.21
N LEU B 99 -25.74 -5.21 -2.93
CA LEU B 99 -25.60 -6.66 -3.09
C LEU B 99 -25.87 -7.35 -1.77
N ARG B 100 -26.99 -6.99 -1.16
CA ARG B 100 -27.43 -7.62 0.07
C ARG B 100 -28.88 -7.99 -0.06
N THR B 101 -29.33 -8.83 0.86
CA THR B 101 -30.69 -9.33 0.90
C THR B 101 -31.67 -8.37 1.65
N ASP B 102 -32.92 -8.37 1.19
CA ASP B 102 -33.99 -7.53 1.74
C ASP B 102 -35.26 -8.30 1.99
N ARG C 8 -12.48 -9.36 -17.04
CA ARG C 8 -13.83 -10.03 -16.93
C ARG C 8 -14.13 -10.60 -15.51
N GLY C 9 -14.23 -9.70 -14.54
CA GLY C 9 -14.59 -10.07 -13.18
C GLY C 9 -16.09 -10.05 -12.94
N THR C 10 -16.44 -10.19 -11.67
CA THR C 10 -17.83 -10.22 -11.25
C THR C 10 -18.61 -8.97 -11.66
N GLU C 12 -18.10 -6.71 -14.06
CA GLU C 12 -18.38 -6.68 -15.47
C GLU C 12 -19.48 -7.63 -15.90
N ILE C 13 -19.46 -8.83 -15.34
CA ILE C 13 -20.46 -9.83 -15.69
C ILE C 13 -21.87 -9.33 -15.24
N PHE C 15 -22.86 -6.31 -14.56
CA PHE C 15 -23.21 -5.16 -15.39
C PHE C 15 -23.74 -5.54 -16.76
N ASP C 16 -23.06 -6.43 -17.45
CA ASP C 16 -23.57 -6.85 -18.73
C ASP C 16 -24.93 -7.54 -18.62
N ILE C 17 -25.08 -8.38 -17.59
CA ILE C 17 -26.32 -9.07 -17.43
C ILE C 17 -27.44 -8.05 -17.24
N LEU C 18 -27.24 -7.13 -16.33
CA LEU C 18 -28.22 -6.13 -16.04
C LEU C 18 -28.56 -5.20 -17.22
N ARG C 19 -27.60 -4.90 -18.05
CA ARG C 19 -27.91 -4.04 -19.22
C ARG C 19 -28.74 -4.76 -20.26
N ASN C 20 -28.74 -6.08 -20.17
CA ASN C 20 -29.43 -6.89 -21.12
C ASN C 20 -30.81 -7.32 -20.64
N CYS C 21 -31.18 -6.94 -19.40
CA CYS C 21 -32.41 -7.46 -18.76
C CYS C 21 -33.44 -6.42 -18.50
N GLU C 22 -33.40 -5.38 -19.32
CA GLU C 22 -34.41 -4.33 -19.31
C GLU C 22 -35.02 -4.27 -20.69
N PRO C 23 -36.33 -4.55 -20.78
CA PRO C 23 -37.25 -4.83 -19.67
C PRO C 23 -37.17 -6.27 -19.13
N LYS C 24 -36.74 -7.20 -19.97
CA LYS C 24 -36.50 -8.57 -19.54
C LYS C 24 -35.39 -9.25 -20.37
N CYS C 25 -35.04 -10.44 -19.92
CA CYS C 25 -34.06 -11.26 -20.58
C CYS C 25 -34.37 -12.69 -20.23
N GLY C 26 -34.27 -13.53 -21.23
CA GLY C 26 -34.15 -14.94 -20.98
C GLY C 26 -32.66 -15.30 -20.94
N ILE C 27 -32.44 -16.57 -20.69
CA ILE C 27 -31.09 -17.10 -20.57
C ILE C 27 -30.23 -16.94 -21.84
N THR C 28 -30.84 -17.09 -23.02
CA THR C 28 -30.06 -16.88 -24.26
C THR C 28 -29.50 -15.46 -24.35
N ARG C 29 -30.36 -14.50 -24.05
CA ARG C 29 -29.93 -13.09 -24.10
C ARG C 29 -28.78 -12.92 -23.14
N VAL C 30 -28.90 -13.55 -21.97
CA VAL C 30 -27.88 -13.38 -20.96
C VAL C 30 -26.56 -14.03 -21.44
N ILE C 31 -26.64 -15.22 -21.98
CA ILE C 31 -25.45 -15.99 -22.38
C ILE C 31 -24.67 -15.24 -23.45
N TYR C 32 -25.38 -14.78 -24.48
CA TYR C 32 -24.73 -14.00 -25.56
C TYR C 32 -24.33 -12.62 -25.06
N GLY C 33 -25.30 -11.95 -24.44
CA GLY C 33 -25.15 -10.55 -24.06
C GLY C 33 -24.05 -10.28 -23.06
N ALA C 34 -23.80 -11.27 -22.22
CA ALA C 34 -22.67 -11.14 -21.31
C ALA C 34 -21.46 -12.00 -21.66
N GLY C 35 -21.60 -12.88 -22.64
CA GLY C 35 -20.49 -13.73 -23.09
C GLY C 35 -20.05 -14.71 -22.01
N ILE C 36 -21.03 -15.42 -21.45
CA ILE C 36 -20.81 -16.44 -20.41
C ILE C 36 -21.62 -17.70 -20.72
N ASN C 37 -21.13 -18.85 -20.28
CA ASN C 37 -21.87 -20.11 -20.49
C ASN C 37 -23.07 -20.25 -19.55
N TYR C 38 -23.86 -21.28 -19.77
CA TYR C 38 -25.10 -21.47 -19.07
C TYR C 38 -24.89 -21.64 -17.56
N VAL C 39 -23.81 -22.31 -17.18
CA VAL C 39 -23.51 -22.57 -15.77
C VAL C 39 -23.18 -21.26 -15.05
N VAL C 40 -22.31 -20.47 -15.66
CA VAL C 40 -21.94 -19.18 -15.11
C VAL C 40 -23.16 -18.24 -15.06
N ALA C 41 -23.94 -18.26 -16.12
CA ALA C 41 -25.15 -17.44 -16.16
C ALA C 41 -26.12 -17.79 -15.04
N GLN C 42 -26.34 -19.09 -14.84
CA GLN C 42 -27.24 -19.54 -13.79
C GLN C 42 -26.81 -19.01 -12.41
N LYS C 43 -25.53 -19.09 -12.15
CA LYS C 43 -24.99 -18.64 -10.87
C LYS C 43 -25.24 -17.14 -10.66
N TYR C 44 -24.85 -16.33 -11.64
CA TYR C 44 -25.02 -14.88 -11.52
C TYR C 44 -26.47 -14.47 -11.49
N LEU C 45 -27.28 -15.07 -12.34
CA LEU C 45 -28.70 -14.82 -12.33
C LEU C 45 -29.32 -15.12 -10.97
N ASP C 46 -28.93 -16.24 -10.38
CA ASP C 46 -29.42 -16.60 -9.04
C ASP C 46 -28.99 -15.56 -8.02
N GLN C 47 -27.74 -15.12 -8.07
CA GLN C 47 -27.24 -14.07 -7.16
C GLN C 47 -28.03 -12.78 -7.29
N LEU C 48 -28.27 -12.37 -8.55
CA LEU C 48 -29.02 -11.14 -8.82
C LEU C 48 -30.47 -11.22 -8.35
N VAL C 49 -31.10 -12.39 -8.50
CA VAL C 49 -32.45 -12.59 -7.98
C VAL C 49 -32.40 -12.49 -6.45
N LYS C 50 -31.44 -13.13 -5.84
CA LYS C 50 -31.32 -13.14 -4.37
C LYS C 50 -31.14 -11.76 -3.78
N VAL C 51 -30.40 -10.89 -4.46
CA VAL C 51 -30.17 -9.57 -3.93
C VAL C 51 -31.23 -8.58 -4.40
N GLY C 52 -32.26 -9.06 -5.09
CA GLY C 52 -33.38 -8.20 -5.48
C GLY C 52 -33.16 -7.29 -6.70
N ALA C 53 -32.14 -7.62 -7.49
CA ALA C 53 -31.82 -6.85 -8.69
C ALA C 53 -32.63 -7.30 -9.89
N LEU C 54 -33.00 -8.57 -9.87
CA LEU C 54 -33.85 -9.19 -10.88
C LEU C 54 -35.04 -9.90 -10.21
N ASN C 55 -36.21 -9.84 -10.83
CA ASN C 55 -37.36 -10.76 -10.57
C ASN C 55 -37.38 -11.83 -11.61
N ILE C 56 -37.80 -13.01 -11.19
CA ILE C 56 -37.87 -14.12 -12.05
C ILE C 56 -39.32 -14.51 -12.21
N LYS C 57 -39.70 -14.78 -13.44
CA LYS C 57 -41.02 -15.27 -13.82
C LYS C 57 -40.81 -16.48 -14.67
N THR C 58 -41.82 -17.33 -14.72
CA THR C 58 -41.87 -18.39 -15.72
C THR C 58 -43.08 -18.19 -16.56
N GLU C 59 -42.88 -18.28 -17.84
CA GLU C 59 -44.00 -18.34 -18.77
C GLU C 59 -43.50 -18.94 -20.08
N ASN C 60 -44.43 -19.67 -20.69
CA ASN C 60 -44.08 -20.57 -21.79
C ASN C 60 -43.04 -21.58 -21.29
N ASP C 61 -43.15 -21.94 -20.01
CA ASP C 61 -42.22 -22.87 -19.38
C ASP C 61 -40.75 -22.38 -19.51
N ARG C 62 -40.58 -21.09 -19.81
CA ARG C 62 -39.27 -20.46 -19.88
C ARG C 62 -39.08 -19.46 -18.76
N LYS C 63 -37.88 -19.45 -18.17
CA LYS C 63 -37.55 -18.41 -17.22
C LYS C 63 -37.32 -17.07 -17.92
N ILE C 64 -37.93 -16.04 -17.34
CA ILE C 64 -37.75 -14.69 -17.78
C ILE C 64 -37.36 -13.89 -16.58
N TYR C 65 -36.32 -13.10 -16.72
CA TYR C 65 -35.89 -12.21 -15.68
C TYR C 65 -36.21 -10.74 -16.04
N GLU C 66 -36.52 -9.95 -15.03
CA GLU C 66 -36.83 -8.54 -15.20
C GLU C 66 -36.08 -7.71 -14.22
N ILE C 67 -35.43 -6.68 -14.69
CA ILE C 67 -34.69 -5.83 -13.80
C ILE C 67 -35.69 -5.06 -12.94
N THR C 68 -35.32 -4.84 -11.69
CA THR C 68 -36.10 -4.06 -10.75
C THR C 68 -35.54 -2.64 -10.61
N GLU C 69 -36.27 -1.78 -9.92
CA GLU C 69 -35.77 -0.44 -9.57
C GLU C 69 -34.41 -0.59 -8.86
N LYS C 70 -34.32 -1.51 -7.91
CA LYS C 70 -33.06 -1.74 -7.23
C LYS C 70 -31.96 -2.17 -8.21
N GLY C 71 -32.33 -3.07 -9.11
CA GLY C 71 -31.39 -3.57 -10.14
C GLY C 71 -30.89 -2.44 -11.04
N LYS C 72 -31.73 -1.46 -11.32
CA LYS C 72 -31.30 -0.34 -12.14
C LYS C 72 -30.26 0.49 -11.44
N LEU C 73 -30.48 0.74 -10.17
CA LEU C 73 -29.50 1.43 -9.36
C LEU C 73 -28.21 0.66 -9.30
N LEU C 74 -28.32 -0.65 -9.12
CA LEU C 74 -27.10 -1.49 -9.09
C LEU C 74 -26.32 -1.38 -10.40
N ARG C 75 -27.04 -1.45 -11.50
CA ARG C 75 -26.43 -1.28 -12.83
C ARG C 75 -25.63 0.04 -12.95
N THR C 76 -26.27 1.13 -12.53
CA THR C 76 -25.69 2.47 -12.56
C THR C 76 -24.45 2.53 -11.71
N HIS C 77 -24.55 2.01 -10.50
CA HIS C 77 -23.40 2.05 -9.62
C HIS C 77 -22.24 1.18 -10.08
N ILE C 78 -22.52 0.04 -10.69
CA ILE C 78 -21.44 -0.79 -11.27
C ILE C 78 -20.77 -0.08 -12.46
N GLU C 79 -21.61 0.49 -13.33
CA GLU C 79 -21.10 1.28 -14.45
C GLU C 79 -20.13 2.37 -13.96
N GLU C 80 -20.53 3.12 -12.92
CA GLU C 80 -19.67 4.16 -12.29
C GLU C 80 -18.37 3.58 -11.74
N PHE C 81 -18.48 2.45 -11.04
CA PHE C 81 -17.33 1.79 -10.46
C PHE C 81 -16.30 1.44 -11.53
N ILE C 82 -16.78 0.82 -12.60
CA ILE C 82 -15.91 0.36 -13.69
C ILE C 82 -15.15 1.55 -14.32
N LYS C 83 -15.89 2.62 -14.56
CA LYS C 83 -15.36 3.82 -15.14
C LYS C 83 -14.25 4.41 -14.23
N ILE C 84 -14.55 4.59 -12.97
CA ILE C 84 -13.58 5.14 -12.03
C ILE C 84 -12.36 4.22 -11.98
N ARG C 85 -12.57 2.92 -12.02
CA ARG C 85 -11.47 2.00 -11.88
C ARG C 85 -10.52 2.18 -13.08
N GLU C 86 -11.11 2.39 -14.26
CA GLU C 86 -10.36 2.66 -15.47
C GLU C 86 -9.57 3.97 -15.35
N ASN C 87 -10.20 5.01 -14.81
CA ASN C 87 -9.52 6.28 -14.54
C ASN C 87 -8.37 6.14 -13.55
N LEU C 88 -8.55 5.28 -12.57
CA LEU C 88 -7.48 4.99 -11.61
C LEU C 88 -6.28 4.36 -12.27
N TYR C 89 -6.53 3.40 -13.16
CA TYR C 89 -5.44 2.74 -13.84
C TYR C 89 -4.63 3.76 -14.65
N SER C 90 -5.32 4.68 -15.31
CA SER C 90 -4.65 5.74 -16.13
C SER C 90 -3.83 6.68 -15.29
N ALA C 91 -4.41 7.11 -14.17
CA ALA C 91 -3.74 7.99 -13.20
C ALA C 91 -2.48 7.34 -12.63
N LYS C 92 -2.59 6.05 -12.32
CA LYS C 92 -1.42 5.30 -11.83
C LYS C 92 -0.31 5.25 -12.84
N GLU C 93 -0.66 4.98 -14.08
CA GLU C 93 0.34 4.91 -15.12
C GLU C 93 1.07 6.23 -15.27
N LYS C 94 0.35 7.34 -15.14
CA LYS C 94 1.00 8.66 -15.25
C LYS C 94 2.01 8.93 -14.15
N VAL C 95 1.70 8.46 -12.95
CA VAL C 95 2.64 8.51 -11.86
C VAL C 95 3.85 7.64 -12.18
N SER C 96 3.58 6.39 -12.57
CA SER C 96 4.67 5.42 -12.86
C SER C 96 5.63 5.87 -13.93
N GLU C 97 5.12 6.50 -14.97
CA GLU C 97 5.94 7.11 -16.02
C GLU C 97 6.95 8.05 -15.50
N LEU C 98 6.58 8.82 -14.49
CA LEU C 98 7.51 9.80 -13.93
C LEU C 98 8.49 9.19 -12.96
N LEU C 99 8.25 7.97 -12.52
CA LEU C 99 9.15 7.37 -11.56
C LEU C 99 10.18 6.49 -12.23
N ARG C 100 10.26 6.48 -13.56
CA ARG C 100 11.24 5.62 -14.29
C ARG C 100 12.63 6.23 -14.47
#